data_1YDH
#
_entry.id   1YDH
#
_cell.length_a   121.589
_cell.length_b   80.427
_cell.length_c   50.709
_cell.angle_alpha   90.00
_cell.angle_beta   102.97
_cell.angle_gamma   90.00
#
_symmetry.space_group_name_H-M   'C 1 2 1'
#
loop_
_entity.id
_entity.type
_entity.pdbx_description
1 polymer At5g11950
2 non-polymer 'NITRATE ION'
3 non-polymer 1,2-ETHANEDIOL
4 water water
#
_entity_poly.entity_id   1
_entity_poly.type   'polypeptide(L)'
_entity_poly.pdbx_seq_one_letter_code
;SEDNQRSRFRKICVFCGSHSGHREVFSDAAIELGNELVKRKIDLVYGGGSVGL(MSE)GLISRRVYEGGLHVLGIIPKAL
(MSE)PIEISGETVGDVRVVAD(MSE)HERKAA(MSE)AQEAEAFIALPGGYGT(MSE)EELLE(MSE)ITWSQLGIHKK
TVGLLNVDGYYNNLLALFDTGVEEGFIKPGARNIVVSAPTAKEL(MSE)EK(MSE)EEYTPSH(MSE)HVASHESWKVEE
LGDYPGQENKPQ
;
_entity_poly.pdbx_strand_id   A,B
#
loop_
_chem_comp.id
_chem_comp.type
_chem_comp.name
_chem_comp.formula
EDO non-polymer 1,2-ETHANEDIOL 'C2 H6 O2'
NO3 non-polymer 'NITRATE ION' 'N O3 -1'
#
# COMPACT_ATOMS: atom_id res chain seq x y z
N GLN A 5 -4.64 31.48 -7.71
CA GLN A 5 -3.18 31.38 -8.07
C GLN A 5 -2.84 30.30 -9.09
N ARG A 6 -1.71 30.49 -9.77
CA ARG A 6 -1.25 29.59 -10.81
C ARG A 6 -0.88 28.21 -10.21
N SER A 7 -1.09 27.16 -10.98
CA SER A 7 -0.74 25.80 -10.59
C SER A 7 -0.35 25.06 -11.86
N ARG A 8 0.58 24.12 -11.76
CA ARG A 8 0.77 23.18 -12.85
C ARG A 8 -0.37 22.15 -12.93
N PHE A 9 -1.13 21.97 -11.84
CA PHE A 9 -2.11 20.85 -11.74
C PHE A 9 -3.53 21.28 -12.07
N ARG A 10 -4.25 20.41 -12.76
CA ARG A 10 -5.67 20.70 -13.01
C ARG A 10 -6.58 19.69 -12.31
N LYS A 11 -6.02 18.52 -12.04
CA LYS A 11 -6.72 17.37 -11.51
C LYS A 11 -5.87 16.67 -10.43
N ILE A 12 -6.34 16.65 -9.18
CA ILE A 12 -5.61 15.88 -8.16
C ILE A 12 -6.48 14.84 -7.48
N CYS A 13 -5.92 13.64 -7.27
CA CYS A 13 -6.65 12.59 -6.56
C CYS A 13 -6.27 12.60 -5.06
N VAL A 14 -7.26 12.71 -4.16
CA VAL A 14 -7.01 12.71 -2.75
C VAL A 14 -7.49 11.38 -2.12
N PHE A 15 -6.55 10.63 -1.54
CA PHE A 15 -6.82 9.40 -0.80
C PHE A 15 -7.17 9.73 0.64
N CYS A 16 -8.27 9.18 1.11
CA CYS A 16 -8.71 9.42 2.51
C CYS A 16 -9.87 8.46 2.69
N GLY A 17 -10.43 8.34 3.89
CA GLY A 17 -11.47 7.33 4.03
C GLY A 17 -12.75 7.84 4.62
N SER A 18 -13.50 6.87 5.17
CA SER A 18 -14.87 7.07 5.65
C SER A 18 -14.93 7.51 7.08
N HIS A 19 -13.78 7.67 7.73
CA HIS A 19 -13.73 8.21 9.09
C HIS A 19 -13.03 9.58 9.10
N SER A 20 -13.37 10.39 10.11
CA SER A 20 -12.91 11.76 10.26
C SER A 20 -11.79 11.80 11.26
N GLY A 21 -11.64 10.76 12.07
CA GLY A 21 -10.68 10.76 13.19
C GLY A 21 -11.33 11.30 14.47
N HIS A 22 -10.84 10.93 15.64
CA HIS A 22 -11.48 11.40 16.87
C HIS A 22 -11.22 12.92 17.06
N ARG A 23 -10.03 13.42 16.75
CA ARG A 23 -9.74 14.85 16.97
C ARG A 23 -10.11 15.76 15.80
N GLU A 24 -10.52 16.98 16.12
CA GLU A 24 -10.99 17.94 15.09
C GLU A 24 -9.93 18.32 14.06
N VAL A 25 -8.67 18.29 14.46
CA VAL A 25 -7.57 18.74 13.59
C VAL A 25 -7.60 18.02 12.23
N PHE A 26 -8.01 16.75 12.22
CA PHE A 26 -8.05 16.01 10.93
C PHE A 26 -9.10 16.53 9.97
N SER A 27 -10.32 16.81 10.48
CA SER A 27 -11.36 17.50 9.69
C SER A 27 -10.90 18.89 9.21
N ASP A 28 -10.27 19.67 10.11
CA ASP A 28 -9.68 20.99 9.72
C ASP A 28 -8.73 20.84 8.58
N ALA A 29 -7.82 19.86 8.69
CA ALA A 29 -6.91 19.57 7.60
C ALA A 29 -7.57 19.26 6.25
N ALA A 30 -8.58 18.36 6.22
CA ALA A 30 -9.31 18.04 5.00
C ALA A 30 -9.95 19.30 4.40
N ILE A 31 -10.55 20.12 5.25
CA ILE A 31 -11.17 21.41 4.82
C ILE A 31 -10.05 22.31 4.27
N GLU A 32 -8.92 22.41 4.97
CA GLU A 32 -7.85 23.31 4.45
C GLU A 32 -7.37 22.85 3.09
N LEU A 33 -7.25 21.53 2.90
CA LEU A 33 -6.79 21.03 1.61
C LEU A 33 -7.85 21.32 0.52
N GLY A 34 -9.13 21.18 0.86
CA GLY A 34 -10.21 21.57 -0.05
C GLY A 34 -10.05 23.04 -0.47
N ASN A 35 -9.82 23.92 0.50
CA ASN A 35 -9.57 25.35 0.26
C ASN A 35 -8.36 25.57 -0.65
N GLU A 36 -7.26 24.89 -0.41
CA GLU A 36 -6.11 24.99 -1.30
C GLU A 36 -6.36 24.50 -2.70
N LEU A 37 -7.17 23.44 -2.86
CA LEU A 37 -7.50 23.00 -4.23
C LEU A 37 -8.34 24.06 -4.96
N VAL A 38 -9.38 24.58 -4.31
CA VAL A 38 -10.23 25.67 -4.81
C VAL A 38 -9.41 26.92 -5.24
N LYS A 39 -8.53 27.42 -4.36
CA LYS A 39 -7.67 28.58 -4.69
C LYS A 39 -6.85 28.40 -5.96
N ARG A 40 -6.41 27.18 -6.23
CA ARG A 40 -5.61 26.89 -7.44
C ARG A 40 -6.42 26.44 -8.64
N LYS A 41 -7.73 26.36 -8.46
CA LYS A 41 -8.66 25.95 -9.53
C LYS A 41 -8.43 24.48 -9.93
N ILE A 42 -8.23 23.65 -8.91
CA ILE A 42 -7.93 22.23 -9.12
C ILE A 42 -9.19 21.40 -8.90
N ASP A 43 -9.52 20.53 -9.86
CA ASP A 43 -10.60 19.58 -9.66
C ASP A 43 -10.15 18.39 -8.79
N LEU A 44 -11.09 17.86 -8.02
CA LEU A 44 -10.88 16.71 -7.15
C LEU A 44 -11.25 15.38 -7.79
N VAL A 45 -10.34 14.41 -7.73
CA VAL A 45 -10.65 13.00 -7.94
C VAL A 45 -10.57 12.32 -6.55
N TYR A 46 -11.52 11.44 -6.23
CA TYR A 46 -11.51 10.79 -4.93
C TYR A 46 -12.38 9.53 -4.96
N GLY A 47 -12.60 8.94 -3.78
CA GLY A 47 -13.19 7.59 -3.67
C GLY A 47 -14.71 7.57 -3.61
N GLY A 48 -15.34 8.74 -3.63
CA GLY A 48 -16.80 8.79 -3.77
C GLY A 48 -17.56 8.74 -2.47
N GLY A 49 -16.86 8.69 -1.34
CA GLY A 49 -17.54 8.61 -0.08
C GLY A 49 -18.16 9.94 0.33
N SER A 50 -19.20 9.86 1.16
CA SER A 50 -19.85 11.08 1.58
C SER A 50 -19.74 11.32 3.07
N VAL A 51 -19.06 10.41 3.75
CA VAL A 51 -18.80 10.55 5.17
C VAL A 51 -17.28 10.55 5.40
N GLY A 52 -16.88 10.87 6.63
CA GLY A 52 -15.49 10.84 7.04
C GLY A 52 -14.75 11.96 6.35
N LEU A 53 -13.43 11.79 6.17
CA LEU A 53 -12.64 12.81 5.53
C LEU A 53 -13.02 12.89 4.07
N MSE A 54 -13.40 11.79 3.42
CA MSE A 54 -13.85 11.91 2.00
C MSE A 54 -15.05 12.86 1.84
O MSE A 54 -15.09 13.59 0.86
CB MSE A 54 -14.29 10.58 1.38
CG MSE A 54 -13.21 9.60 1.17
SE MSE A 54 -13.88 8.01 0.27
CE MSE A 54 -14.63 7.12 1.63
N GLY A 55 -16.03 12.80 2.75
CA GLY A 55 -17.19 13.73 2.72
C GLY A 55 -16.78 15.20 2.95
N LEU A 56 -15.80 15.44 3.81
CA LEU A 56 -15.39 16.82 4.14
C LEU A 56 -14.63 17.45 2.99
N ILE A 57 -13.69 16.68 2.43
CA ILE A 57 -12.90 17.32 1.39
C ILE A 57 -13.73 17.49 0.13
N SER A 58 -14.58 16.51 -0.20
CA SER A 58 -15.39 16.63 -1.44
C SER A 58 -16.41 17.78 -1.35
N ARG A 59 -17.03 17.95 -0.18
CA ARG A 59 -18.05 18.98 0.00
C ARG A 59 -17.40 20.34 -0.10
N ARG A 60 -16.21 20.51 0.47
CA ARG A 60 -15.51 21.82 0.40
C ARG A 60 -15.15 22.16 -1.04
N VAL A 61 -14.61 21.21 -1.79
CA VAL A 61 -14.27 21.49 -3.17
C VAL A 61 -15.55 21.80 -4.00
N TYR A 62 -16.60 20.98 -3.88
CA TYR A 62 -17.92 21.24 -4.52
C TYR A 62 -18.50 22.65 -4.20
N GLU A 63 -18.58 22.97 -2.91
CA GLU A 63 -19.02 24.28 -2.42
C GLU A 63 -18.17 25.42 -2.99
N GLY A 64 -16.92 25.17 -3.35
CA GLY A 64 -16.06 26.22 -3.87
C GLY A 64 -16.13 26.35 -5.37
N GLY A 65 -16.95 25.50 -5.98
CA GLY A 65 -17.28 25.60 -7.40
C GLY A 65 -16.37 24.84 -8.32
N LEU A 66 -15.63 23.85 -7.81
CA LEU A 66 -14.73 23.06 -8.66
C LEU A 66 -15.30 21.69 -8.88
N HIS A 67 -14.81 20.96 -9.86
CA HIS A 67 -15.44 19.69 -10.16
C HIS A 67 -15.03 18.60 -9.17
N VAL A 68 -15.97 17.74 -8.77
CA VAL A 68 -15.69 16.59 -7.91
C VAL A 68 -16.07 15.30 -8.65
N LEU A 69 -15.09 14.43 -8.86
CA LEU A 69 -15.31 13.08 -9.40
C LEU A 69 -15.02 11.98 -8.35
N GLY A 70 -16.05 11.26 -7.93
CA GLY A 70 -15.91 10.09 -7.06
C GLY A 70 -15.89 8.80 -7.87
N ILE A 71 -14.98 7.89 -7.53
CA ILE A 71 -14.85 6.60 -8.21
C ILE A 71 -14.96 5.51 -7.15
N ILE A 72 -16.02 4.70 -7.24
CA ILE A 72 -16.34 3.76 -6.16
C ILE A 72 -16.74 2.41 -6.75
N PRO A 73 -16.23 1.29 -6.20
CA PRO A 73 -16.69 -0.03 -6.61
C PRO A 73 -18.13 -0.18 -6.20
N LYS A 74 -18.93 -0.79 -7.07
CA LYS A 74 -20.37 -0.93 -6.74
C LYS A 74 -20.65 -1.48 -5.35
N ALA A 75 -19.87 -2.44 -4.84
CA ALA A 75 -20.26 -2.97 -3.51
C ALA A 75 -19.90 -2.08 -2.33
N LEU A 76 -19.13 -1.02 -2.56
CA LEU A 76 -18.86 -0.12 -1.46
C LEU A 76 -19.89 0.99 -1.33
N MSE A 77 -20.72 1.19 -2.35
CA MSE A 77 -21.70 2.29 -2.35
C MSE A 77 -22.58 2.32 -1.10
O MSE A 77 -22.64 3.37 -0.45
CB MSE A 77 -22.56 2.30 -3.59
CG MSE A 77 -21.78 2.29 -4.91
SE MSE A 77 -22.99 2.40 -6.46
CE MSE A 77 -23.14 3.95 -6.40
N PRO A 78 -23.25 1.18 -0.77
CA PRO A 78 -24.09 1.15 0.44
C PRO A 78 -23.31 1.48 1.70
N ILE A 79 -22.00 1.26 1.66
CA ILE A 79 -21.14 1.41 2.83
C ILE A 79 -20.50 2.80 2.91
N GLU A 80 -20.13 3.39 1.79
CA GLU A 80 -19.40 4.66 1.88
C GLU A 80 -20.27 5.86 1.57
N ILE A 81 -21.48 5.60 1.05
CA ILE A 81 -22.41 6.66 0.61
C ILE A 81 -23.71 6.72 1.40
N SER A 82 -23.93 7.92 1.93
CA SER A 82 -24.92 8.15 2.93
C SER A 82 -25.48 9.57 2.81
N GLY A 83 -26.77 9.73 3.05
CA GLY A 83 -27.43 11.03 2.96
C GLY A 83 -27.59 11.51 1.52
N GLU A 84 -26.49 11.64 0.83
CA GLU A 84 -26.47 12.22 -0.49
C GLU A 84 -25.10 11.90 -1.14
N THR A 85 -24.98 12.07 -2.45
CA THR A 85 -23.66 11.91 -3.07
C THR A 85 -23.02 13.30 -3.14
N VAL A 86 -21.70 13.36 -3.30
CA VAL A 86 -21.07 14.69 -3.50
C VAL A 86 -20.38 14.73 -4.88
N GLY A 87 -20.91 15.55 -5.80
CA GLY A 87 -20.35 15.70 -7.13
C GLY A 87 -20.88 14.60 -8.03
N ASP A 88 -20.05 14.14 -8.96
CA ASP A 88 -20.44 13.01 -9.79
C ASP A 88 -19.80 11.72 -9.29
N VAL A 89 -20.54 10.62 -9.42
CA VAL A 89 -20.06 9.28 -9.06
C VAL A 89 -19.89 8.36 -10.28
N ARG A 90 -18.66 7.87 -10.49
CA ARG A 90 -18.40 6.84 -11.48
C ARG A 90 -18.32 5.49 -10.74
N VAL A 91 -19.11 4.51 -11.15
CA VAL A 91 -19.17 3.21 -10.50
C VAL A 91 -18.28 2.23 -11.27
N VAL A 92 -17.40 1.54 -10.55
CA VAL A 92 -16.54 0.55 -11.20
C VAL A 92 -16.84 -0.85 -10.62
N ALA A 93 -16.21 -1.90 -11.14
CA ALA A 93 -16.50 -3.28 -10.73
C ALA A 93 -15.86 -3.69 -9.41
N ASP A 94 -14.62 -3.28 -9.19
CA ASP A 94 -13.82 -3.85 -8.09
C ASP A 94 -12.73 -2.88 -7.64
N MSE A 95 -11.95 -3.31 -6.66
CA MSE A 95 -10.86 -2.46 -6.11
C MSE A 95 -9.84 -2.00 -7.14
O MSE A 95 -9.39 -0.83 -7.14
CB MSE A 95 -10.18 -3.14 -4.90
CG MSE A 95 -11.19 -3.47 -3.77
SE MSE A 95 -12.09 -1.93 -2.90
CE MSE A 95 -13.71 -2.91 -2.24
N HIS A 96 -9.50 -2.92 -8.04
CA HIS A 96 -8.47 -2.66 -9.04
C HIS A 96 -8.90 -1.65 -10.12
N GLU A 97 -10.13 -1.77 -10.61
CA GLU A 97 -10.67 -0.75 -11.51
C GLU A 97 -10.71 0.66 -10.89
N ARG A 98 -11.08 0.70 -9.60
CA ARG A 98 -11.13 1.94 -8.84
C ARG A 98 -9.76 2.57 -8.81
N LYS A 99 -8.76 1.80 -8.40
CA LYS A 99 -7.36 2.25 -8.39
C LYS A 99 -6.90 2.69 -9.76
N ALA A 100 -7.17 1.89 -10.77
CA ALA A 100 -6.73 2.23 -12.15
C ALA A 100 -7.42 3.49 -12.69
N ALA A 101 -8.72 3.60 -12.44
CA ALA A 101 -9.50 4.76 -12.84
C ALA A 101 -9.11 6.07 -12.11
N MSE A 102 -8.84 5.99 -10.81
CA MSE A 102 -8.38 7.15 -10.04
C MSE A 102 -7.00 7.65 -10.53
O MSE A 102 -6.80 8.86 -10.64
CB MSE A 102 -8.36 6.83 -8.54
CG MSE A 102 -9.77 6.82 -7.87
SE MSE A 102 -9.86 6.51 -5.90
CE MSE A 102 -9.00 5.01 -5.78
N ALA A 103 -6.07 6.74 -10.81
CA ALA A 103 -4.76 7.13 -11.35
C ALA A 103 -4.86 7.78 -12.72
N GLN A 104 -5.65 7.16 -13.59
CA GLN A 104 -5.84 7.62 -14.97
C GLN A 104 -6.43 9.06 -14.95
N GLU A 105 -7.35 9.32 -14.01
CA GLU A 105 -8.00 10.63 -13.95
C GLU A 105 -7.17 11.73 -13.28
N ALA A 106 -6.06 11.40 -12.65
CA ALA A 106 -5.34 12.36 -11.80
C ALA A 106 -4.00 12.69 -12.39
N GLU A 107 -3.55 13.93 -12.19
CA GLU A 107 -2.17 14.32 -12.50
C GLU A 107 -1.18 14.15 -11.33
N ALA A 108 -1.69 13.98 -10.10
CA ALA A 108 -0.89 13.92 -8.87
C ALA A 108 -1.80 13.38 -7.78
N PHE A 109 -1.21 12.91 -6.67
CA PHE A 109 -1.96 12.30 -5.60
C PHE A 109 -1.59 12.89 -4.25
N ILE A 110 -2.58 13.01 -3.36
CA ILE A 110 -2.34 13.42 -1.99
C ILE A 110 -3.05 12.47 -1.03
N ALA A 111 -2.34 11.90 -0.05
CA ALA A 111 -2.97 11.14 1.01
C ALA A 111 -3.18 12.06 2.21
N LEU A 112 -4.44 12.18 2.59
CA LEU A 112 -4.74 12.63 3.92
C LEU A 112 -4.52 11.47 4.90
N PRO A 113 -4.52 11.76 6.22
CA PRO A 113 -4.60 10.67 7.19
C PRO A 113 -5.77 9.73 6.96
N GLY A 114 -5.54 8.43 7.16
CA GLY A 114 -6.61 7.47 6.99
C GLY A 114 -6.06 6.12 7.43
N GLY A 115 -6.84 5.06 7.23
CA GLY A 115 -6.48 3.74 7.76
C GLY A 115 -5.84 2.95 6.65
N TYR A 116 -5.96 1.64 6.75
CA TYR A 116 -5.28 0.77 5.80
C TYR A 116 -5.50 1.09 4.33
N GLY A 117 -6.76 1.36 3.93
CA GLY A 117 -7.09 1.56 2.52
C GLY A 117 -6.34 2.77 1.95
N THR A 118 -6.23 3.84 2.74
CA THR A 118 -5.55 5.04 2.29
C THR A 118 -4.05 4.78 2.20
N MSE A 119 -3.51 4.05 3.19
CA MSE A 119 -2.10 3.72 3.19
C MSE A 119 -1.73 2.93 1.93
O MSE A 119 -0.70 3.15 1.32
CB MSE A 119 -1.79 2.87 4.44
CG MSE A 119 -1.81 3.73 5.74
SE MSE A 119 -1.86 2.69 7.36
CE MSE A 119 -2.16 4.23 8.56
N GLU A 120 -2.58 1.99 1.54
CA GLU A 120 -2.29 1.09 0.45
C GLU A 120 -2.29 1.86 -0.88
N GLU A 121 -3.30 2.72 -1.05
CA GLU A 121 -3.42 3.57 -2.22
C GLU A 121 -2.19 4.46 -2.40
N LEU A 122 -1.79 5.10 -1.31
CA LEU A 122 -0.58 5.93 -1.27
C LEU A 122 0.69 5.15 -1.66
N LEU A 123 0.94 4.02 -1.02
CA LEU A 123 2.10 3.16 -1.35
C LEU A 123 2.08 2.63 -2.78
N GLU A 124 0.90 2.34 -3.32
CA GLU A 124 0.82 1.90 -4.72
C GLU A 124 1.28 2.99 -5.69
N MSE A 125 0.80 4.22 -5.47
CA MSE A 125 1.19 5.32 -6.31
C MSE A 125 2.65 5.67 -6.18
O MSE A 125 3.24 6.08 -7.16
CB MSE A 125 0.33 6.56 -6.10
CG MSE A 125 -1.17 6.28 -6.29
SE MSE A 125 -1.66 5.85 -8.11
CE MSE A 125 -1.77 3.91 -7.99
N ILE A 126 3.24 5.53 -4.99
CA ILE A 126 4.68 5.73 -4.86
C ILE A 126 5.47 4.70 -5.67
N THR A 127 5.03 3.45 -5.59
CA THR A 127 5.66 2.29 -6.22
C THR A 127 5.61 2.46 -7.75
N TRP A 128 4.48 2.97 -8.22
CA TRP A 128 4.28 3.30 -9.61
C TRP A 128 5.21 4.44 -10.04
N SER A 129 5.41 5.47 -9.22
CA SER A 129 6.45 6.45 -9.62
C SER A 129 7.84 5.84 -9.63
N GLN A 130 8.15 5.04 -8.60
CA GLN A 130 9.46 4.44 -8.50
C GLN A 130 9.77 3.56 -9.71
N LEU A 131 8.76 2.82 -10.16
CA LEU A 131 8.88 1.92 -11.33
C LEU A 131 8.86 2.62 -12.71
N GLY A 132 8.56 3.90 -12.77
CA GLY A 132 8.46 4.57 -14.03
C GLY A 132 7.11 4.36 -14.68
N ILE A 133 6.17 3.70 -14.00
CA ILE A 133 4.81 3.47 -14.53
C ILE A 133 4.13 4.79 -14.88
N HIS A 134 4.39 5.83 -14.09
CA HIS A 134 3.85 7.15 -14.34
C HIS A 134 4.85 8.16 -13.82
N LYS A 135 4.63 9.42 -14.12
CA LYS A 135 5.55 10.46 -13.65
C LYS A 135 4.76 11.49 -12.87
N LYS A 136 4.10 11.07 -11.81
CA LYS A 136 3.15 11.95 -11.14
C LYS A 136 3.58 12.23 -9.72
N THR A 137 3.42 13.49 -9.33
CA THR A 137 3.73 13.88 -7.95
C THR A 137 2.84 13.20 -6.91
N VAL A 138 3.47 12.66 -5.87
CA VAL A 138 2.77 12.03 -4.77
C VAL A 138 3.07 12.77 -3.44
N GLY A 139 2.02 13.27 -2.77
CA GLY A 139 2.21 13.93 -1.50
C GLY A 139 1.48 13.30 -0.34
N LEU A 140 1.91 13.54 0.90
CA LEU A 140 1.05 13.18 2.05
C LEU A 140 0.93 14.39 2.98
N LEU A 141 -0.26 14.61 3.49
CA LEU A 141 -0.49 15.71 4.42
C LEU A 141 -0.33 15.08 5.79
N ASN A 142 0.79 15.41 6.40
CA ASN A 142 1.19 14.80 7.64
C ASN A 142 0.59 15.60 8.78
N VAL A 143 -0.71 15.44 9.02
CA VAL A 143 -1.44 16.19 10.02
C VAL A 143 -0.97 15.84 11.41
N ASP A 144 -0.41 16.84 12.09
CA ASP A 144 0.07 16.68 13.47
C ASP A 144 0.95 15.42 13.67
N GLY A 145 1.88 15.15 12.73
CA GLY A 145 2.75 13.99 12.87
C GLY A 145 2.13 12.62 12.57
N TYR A 146 0.87 12.61 12.11
CA TYR A 146 0.18 11.35 11.78
C TYR A 146 1.00 10.32 10.99
N TYR A 147 1.73 10.81 9.97
CA TYR A 147 2.52 9.94 9.12
C TYR A 147 4.02 9.95 9.49
N ASN A 148 4.38 10.50 10.63
CA ASN A 148 5.81 10.43 11.06
C ASN A 148 6.32 9.02 11.00
N ASN A 149 5.55 8.05 11.51
CA ASN A 149 6.04 6.65 11.50
C ASN A 149 6.20 6.06 10.09
N LEU A 150 5.38 6.47 9.12
CA LEU A 150 5.53 5.92 7.79
C LEU A 150 6.78 6.53 7.14
N LEU A 151 7.00 7.82 7.34
CA LEU A 151 8.23 8.45 6.82
C LEU A 151 9.50 7.88 7.45
N ALA A 152 9.45 7.60 8.76
CA ALA A 152 10.55 6.92 9.46
C ALA A 152 10.76 5.51 8.89
N LEU A 153 9.67 4.81 8.58
CA LEU A 153 9.76 3.52 7.91
C LEU A 153 10.46 3.62 6.51
N PHE A 154 10.14 4.66 5.75
CA PHE A 154 10.79 4.93 4.49
C PHE A 154 12.26 5.19 4.75
N ASP A 155 12.62 5.95 5.80
CA ASP A 155 14.04 6.12 6.20
C ASP A 155 14.67 4.77 6.53
N THR A 156 14.00 3.96 7.35
CA THR A 156 14.50 2.61 7.61
C THR A 156 14.75 1.82 6.30
N GLY A 157 13.85 1.95 5.32
CA GLY A 157 14.05 1.21 4.08
C GLY A 157 15.33 1.67 3.37
N VAL A 158 15.57 2.98 3.32
CA VAL A 158 16.82 3.55 2.78
C VAL A 158 18.07 3.03 3.53
N GLU A 159 18.15 3.28 4.83
CA GLU A 159 19.28 2.85 5.67
C GLU A 159 19.60 1.35 5.52
N GLU A 160 18.57 0.51 5.43
CA GLU A 160 18.77 -0.92 5.29
C GLU A 160 18.94 -1.42 3.84
N GLY A 161 18.88 -0.50 2.89
CA GLY A 161 19.14 -0.92 1.49
C GLY A 161 17.97 -1.41 0.65
N PHE A 162 16.74 -1.12 1.05
CA PHE A 162 15.60 -1.56 0.22
C PHE A 162 14.99 -0.47 -0.62
N ILE A 163 15.36 0.78 -0.35
CA ILE A 163 14.80 1.91 -1.08
C ILE A 163 16.02 2.78 -1.39
N LYS A 164 16.23 3.16 -2.66
CA LYS A 164 17.37 4.00 -3.03
C LYS A 164 17.13 5.43 -2.55
N PRO A 165 18.21 6.16 -2.18
CA PRO A 165 18.09 7.58 -1.85
C PRO A 165 17.15 8.38 -2.73
N GLY A 166 17.23 8.25 -4.05
CA GLY A 166 16.38 9.00 -4.99
C GLY A 166 14.89 8.68 -4.92
N ALA A 167 14.60 7.42 -4.60
CA ALA A 167 13.23 6.94 -4.52
C ALA A 167 12.56 7.40 -3.20
N ARG A 168 13.36 7.70 -2.19
CA ARG A 168 12.90 8.28 -0.92
C ARG A 168 12.24 9.69 -1.09
N ASN A 169 12.84 10.50 -1.96
CA ASN A 169 12.35 11.85 -2.28
C ASN A 169 11.13 11.91 -3.21
N ILE A 170 10.67 10.76 -3.71
CA ILE A 170 9.41 10.69 -4.45
C ILE A 170 8.22 11.21 -3.59
N VAL A 171 8.25 10.92 -2.29
CA VAL A 171 7.19 11.24 -1.34
C VAL A 171 7.41 12.69 -0.91
N VAL A 172 6.52 13.59 -1.29
CA VAL A 172 6.57 14.99 -0.86
C VAL A 172 5.68 15.07 0.41
N SER A 173 6.14 15.76 1.44
CA SER A 173 5.47 15.71 2.74
C SER A 173 5.43 17.10 3.36
N ALA A 174 4.32 17.45 4.00
CA ALA A 174 4.25 18.67 4.81
C ALA A 174 3.15 18.54 5.87
N PRO A 175 3.25 19.35 6.96
CA PRO A 175 2.22 19.25 7.99
C PRO A 175 0.95 20.08 7.74
N THR A 176 0.92 20.90 6.69
CA THR A 176 -0.26 21.75 6.43
C THR A 176 -0.52 21.69 4.95
N ALA A 177 -1.78 21.92 4.56
CA ALA A 177 -2.19 21.79 3.15
C ALA A 177 -1.47 22.85 2.32
N LYS A 178 -1.41 24.06 2.88
CA LYS A 178 -0.75 25.15 2.15
C LYS A 178 0.72 24.84 1.86
N GLU A 179 1.50 24.43 2.86
CA GLU A 179 2.91 24.09 2.62
C GLU A 179 3.06 22.89 1.67
N LEU A 180 2.18 21.90 1.83
CA LEU A 180 2.20 20.73 0.93
C LEU A 180 2.00 21.15 -0.55
N MSE A 181 1.00 21.98 -0.80
CA MSE A 181 0.71 22.40 -2.17
C MSE A 181 1.89 23.11 -2.77
O MSE A 181 2.22 22.90 -3.95
CB MSE A 181 -0.54 23.27 -2.22
CG MSE A 181 -1.84 22.52 -1.99
SE MSE A 181 -2.30 21.02 -3.18
CE MSE A 181 -1.70 21.46 -4.99
N GLU A 182 2.54 23.93 -1.95
CA GLU A 182 3.74 24.64 -2.36
C GLU A 182 4.89 23.72 -2.74
N LYS A 183 5.10 22.69 -1.93
CA LYS A 183 6.20 21.77 -2.21
C LYS A 183 5.87 20.90 -3.41
N MSE A 184 4.59 20.59 -3.63
CA MSE A 184 4.20 19.74 -4.77
C MSE A 184 4.35 20.48 -6.10
O MSE A 184 4.75 19.87 -7.10
CB MSE A 184 2.76 19.27 -4.69
CG MSE A 184 2.26 19.02 -3.30
SE MSE A 184 0.87 17.69 -3.21
CE MSE A 184 2.18 16.44 -3.54
N GLU A 185 4.01 21.76 -6.11
CA GLU A 185 4.23 22.65 -7.26
C GLU A 185 5.66 22.55 -7.74
N GLU A 186 6.60 22.73 -6.81
CA GLU A 186 8.04 22.73 -7.01
C GLU A 186 8.73 21.38 -7.23
N TYR A 187 8.04 20.27 -7.00
CA TYR A 187 8.68 18.96 -7.11
C TYR A 187 9.15 18.64 -8.52
N THR A 188 10.36 18.08 -8.62
CA THR A 188 10.91 17.58 -9.89
C THR A 188 11.61 16.21 -9.71
N ARG B 8 -3.58 -25.31 9.02
CA ARG B 8 -2.52 -25.99 8.21
C ARG B 8 -2.64 -25.45 6.80
N PHE B 9 -1.55 -24.88 6.30
CA PHE B 9 -1.50 -24.27 4.98
C PHE B 9 -0.90 -25.21 3.93
N ARG B 10 -1.33 -25.01 2.69
CA ARG B 10 -0.71 -25.68 1.54
C ARG B 10 -0.07 -24.68 0.58
N LYS B 11 -0.52 -23.42 0.58
CA LYS B 11 0.01 -22.37 -0.30
C LYS B 11 0.15 -21.05 0.45
N ILE B 12 1.36 -20.50 0.47
CA ILE B 12 1.55 -19.17 1.09
C ILE B 12 2.23 -18.22 0.10
N CYS B 13 1.71 -17.01 -0.02
CA CYS B 13 2.32 -15.96 -0.81
C CYS B 13 3.25 -15.14 0.06
N VAL B 14 4.50 -15.03 -0.36
CA VAL B 14 5.48 -14.25 0.37
C VAL B 14 5.81 -13.01 -0.46
N PHE B 15 5.63 -11.82 0.12
CA PHE B 15 6.01 -10.56 -0.51
C PHE B 15 7.39 -10.13 -0.09
N CYS B 16 8.22 -9.82 -1.09
CA CYS B 16 9.58 -9.30 -0.86
C CYS B 16 10.06 -8.73 -2.18
N GLY B 17 11.24 -8.13 -2.19
CA GLY B 17 11.67 -7.46 -3.39
C GLY B 17 12.94 -8.03 -3.95
N SER B 18 13.51 -7.26 -4.88
CA SER B 18 14.67 -7.70 -5.63
C SER B 18 15.96 -7.15 -5.03
N HIS B 19 15.85 -6.55 -3.84
CA HIS B 19 17.02 -6.29 -3.00
C HIS B 19 17.12 -7.21 -1.79
N SER B 20 18.36 -7.44 -1.35
CA SER B 20 18.64 -8.27 -0.20
C SER B 20 18.82 -7.54 1.14
N GLY B 21 19.06 -6.22 1.09
CA GLY B 21 19.47 -5.47 2.28
C GLY B 21 20.97 -5.51 2.46
N HIS B 22 21.56 -4.45 3.02
CA HIS B 22 22.99 -4.38 3.32
C HIS B 22 23.39 -5.44 4.35
N ARG B 23 22.62 -5.55 5.43
CA ARG B 23 22.88 -6.51 6.49
C ARG B 23 22.33 -7.90 6.24
N GLU B 24 23.13 -8.90 6.63
CA GLU B 24 22.91 -10.31 6.37
C GLU B 24 21.71 -10.90 7.11
N VAL B 25 21.30 -10.27 8.20
CA VAL B 25 20.12 -10.69 8.97
C VAL B 25 18.87 -10.82 8.05
N PHE B 26 18.73 -9.94 7.06
CA PHE B 26 17.64 -10.07 6.05
C PHE B 26 17.61 -11.31 5.18
N SER B 27 18.73 -11.63 4.51
CA SER B 27 18.86 -12.92 3.79
C SER B 27 18.64 -14.08 4.68
N ASP B 28 19.20 -14.04 5.89
CA ASP B 28 19.02 -15.14 6.87
C ASP B 28 17.54 -15.40 7.11
N ALA B 29 16.79 -14.32 7.34
CA ALA B 29 15.33 -14.40 7.48
C ALA B 29 14.65 -15.06 6.28
N ALA B 30 15.03 -14.64 5.07
CA ALA B 30 14.43 -15.19 3.84
C ALA B 30 14.69 -16.70 3.72
N ILE B 31 15.92 -17.10 4.06
CA ILE B 31 16.27 -18.52 4.01
C ILE B 31 15.56 -19.30 5.08
N GLU B 32 15.52 -18.74 6.30
CA GLU B 32 14.80 -19.43 7.37
C GLU B 32 13.31 -19.54 7.08
N LEU B 33 12.74 -18.51 6.46
CA LEU B 33 11.32 -18.61 6.06
C LEU B 33 11.14 -19.65 4.97
N GLY B 34 12.04 -19.68 3.99
CA GLY B 34 12.04 -20.77 2.99
C GLY B 34 12.09 -22.17 3.62
N ASN B 35 12.99 -22.37 4.57
CA ASN B 35 13.03 -23.61 5.35
C ASN B 35 11.82 -23.96 6.21
N GLU B 36 11.24 -22.96 6.88
CA GLU B 36 9.92 -23.19 7.49
C GLU B 36 8.88 -23.71 6.51
N LEU B 37 8.78 -23.10 5.32
CA LEU B 37 7.81 -23.59 4.32
C LEU B 37 8.16 -25.02 3.88
N VAL B 38 9.45 -25.29 3.62
CA VAL B 38 9.89 -26.65 3.32
C VAL B 38 9.52 -27.67 4.40
N LYS B 39 9.88 -27.45 5.66
CA LYS B 39 9.57 -28.41 6.74
C LYS B 39 8.07 -28.70 6.87
N ARG B 40 7.29 -27.64 6.68
CA ARG B 40 5.84 -27.74 6.85
C ARG B 40 5.16 -28.23 5.57
N LYS B 41 5.96 -28.54 4.54
CA LYS B 41 5.45 -28.95 3.22
C LYS B 41 4.40 -27.94 2.69
N ILE B 42 4.79 -26.67 2.70
CA ILE B 42 3.96 -25.57 2.16
C ILE B 42 4.55 -25.08 0.82
N ASP B 43 3.71 -25.02 -0.23
CA ASP B 43 4.15 -24.40 -1.49
C ASP B 43 4.24 -22.85 -1.46
N LEU B 44 5.16 -22.29 -2.24
CA LEU B 44 5.36 -20.85 -2.28
C LEU B 44 4.65 -20.19 -3.48
N VAL B 45 4.01 -19.05 -3.22
CA VAL B 45 3.58 -18.12 -4.26
C VAL B 45 4.38 -16.85 -4.00
N TYR B 46 4.95 -16.25 -5.03
CA TYR B 46 5.77 -15.05 -4.87
C TYR B 46 5.75 -14.28 -6.20
N GLY B 47 6.55 -13.23 -6.32
CA GLY B 47 6.48 -12.30 -7.42
C GLY B 47 7.35 -12.64 -8.62
N GLY B 48 8.05 -13.79 -8.61
CA GLY B 48 8.84 -14.22 -9.77
C GLY B 48 10.27 -13.72 -9.93
N GLY B 49 10.74 -12.84 -9.07
CA GLY B 49 12.08 -12.29 -9.24
C GLY B 49 13.13 -13.34 -8.90
N SER B 50 14.33 -13.19 -9.41
CA SER B 50 15.33 -14.22 -9.13
C SER B 50 16.51 -13.57 -8.40
N VAL B 51 16.42 -12.28 -8.07
CA VAL B 51 17.44 -11.66 -7.21
C VAL B 51 16.80 -11.13 -5.92
N GLY B 52 17.61 -10.65 -4.99
CA GLY B 52 17.12 -10.03 -3.77
C GLY B 52 16.51 -11.11 -2.91
N LEU B 53 15.68 -10.72 -1.94
CA LEU B 53 14.97 -11.72 -1.13
C LEU B 53 14.08 -12.65 -1.92
N MSE B 54 13.47 -12.15 -3.00
CA MSE B 54 12.67 -13.01 -3.89
C MSE B 54 13.45 -14.22 -4.45
O MSE B 54 12.94 -15.35 -4.41
CB MSE B 54 12.08 -12.20 -5.04
CG MSE B 54 10.82 -11.42 -4.67
SE MSE B 54 9.85 -10.71 -6.26
CE MSE B 54 10.96 -9.35 -6.80
N GLY B 55 14.66 -14.01 -4.97
CA GLY B 55 15.46 -15.14 -5.46
C GLY B 55 15.88 -16.08 -4.32
N LEU B 56 16.25 -15.50 -3.18
CA LEU B 56 16.70 -16.32 -2.03
C LEU B 56 15.62 -17.25 -1.53
N ILE B 57 14.43 -16.72 -1.25
CA ILE B 57 13.39 -17.59 -0.73
C ILE B 57 12.88 -18.59 -1.78
N SER B 58 12.73 -18.17 -3.05
CA SER B 58 12.24 -19.12 -4.03
C SER B 58 13.24 -20.26 -4.32
N ARG B 59 14.53 -19.94 -4.44
CA ARG B 59 15.51 -21.03 -4.60
C ARG B 59 15.49 -22.03 -3.45
N ARG B 60 15.39 -21.54 -2.20
CA ARG B 60 15.34 -22.36 -1.00
C ARG B 60 14.16 -23.29 -1.03
N VAL B 61 12.98 -22.75 -1.30
CA VAL B 61 11.81 -23.58 -1.35
C VAL B 61 11.89 -24.59 -2.50
N TYR B 62 12.37 -24.13 -3.65
CA TYR B 62 12.45 -24.96 -4.84
C TYR B 62 13.45 -26.09 -4.58
N GLU B 63 14.67 -25.72 -4.21
CA GLU B 63 15.71 -26.69 -3.85
C GLU B 63 15.33 -27.59 -2.68
N GLY B 64 14.42 -27.16 -1.80
CA GLY B 64 13.92 -27.99 -0.73
C GLY B 64 12.89 -29.00 -1.14
N GLY B 65 12.42 -28.92 -2.39
CA GLY B 65 11.48 -29.90 -2.92
C GLY B 65 10.04 -29.46 -3.02
N LEU B 66 9.75 -28.21 -2.67
CA LEU B 66 8.35 -27.75 -2.67
C LEU B 66 8.03 -26.95 -3.93
N HIS B 67 6.76 -26.76 -4.26
CA HIS B 67 6.43 -26.03 -5.48
C HIS B 67 6.59 -24.52 -5.30
N VAL B 68 7.14 -23.85 -6.32
CA VAL B 68 7.18 -22.41 -6.30
C VAL B 68 6.50 -21.92 -7.58
N LEU B 69 5.59 -20.97 -7.38
CA LEU B 69 4.95 -20.23 -8.46
C LEU B 69 5.24 -18.73 -8.33
N GLY B 70 6.00 -18.19 -9.27
CA GLY B 70 6.17 -16.76 -9.41
C GLY B 70 5.03 -16.23 -10.28
N ILE B 71 4.69 -14.96 -10.07
CA ILE B 71 3.60 -14.27 -10.78
C ILE B 71 4.13 -12.89 -11.08
N ILE B 72 4.30 -12.57 -12.35
CA ILE B 72 5.05 -11.35 -12.69
C ILE B 72 4.44 -10.67 -13.92
N PRO B 73 4.34 -9.32 -13.90
CA PRO B 73 3.88 -8.69 -15.13
C PRO B 73 4.96 -8.70 -16.21
N LYS B 74 4.51 -8.78 -17.48
CA LYS B 74 5.36 -8.76 -18.67
C LYS B 74 6.46 -7.72 -18.62
N ALA B 75 6.10 -6.45 -18.39
CA ALA B 75 7.09 -5.40 -18.46
C ALA B 75 8.10 -5.45 -17.32
N LEU B 76 7.77 -6.11 -16.20
CA LEU B 76 8.71 -6.20 -15.07
C LEU B 76 9.76 -7.30 -15.19
N MSE B 77 9.59 -8.20 -16.15
CA MSE B 77 10.49 -9.35 -16.31
C MSE B 77 11.96 -8.98 -16.55
O MSE B 77 12.83 -9.53 -15.86
CB MSE B 77 9.99 -10.30 -17.40
CG MSE B 77 8.76 -11.08 -17.01
SE MSE B 77 8.17 -12.20 -18.54
CE MSE B 77 8.88 -13.78 -18.01
N PRO B 78 12.25 -8.04 -17.48
CA PRO B 78 13.68 -7.71 -17.66
C PRO B 78 14.32 -7.05 -16.44
N ILE B 79 13.49 -6.62 -15.50
CA ILE B 79 13.97 -5.90 -14.33
C ILE B 79 14.20 -6.85 -13.14
N GLU B 80 13.31 -7.81 -12.94
CA GLU B 80 13.36 -8.66 -11.77
C GLU B 80 13.89 -10.07 -12.04
N ILE B 81 13.91 -10.51 -13.30
CA ILE B 81 14.40 -11.86 -13.62
C ILE B 81 15.73 -11.75 -14.39
N SER B 82 16.81 -12.20 -13.78
CA SER B 82 18.13 -12.33 -14.38
C SER B 82 18.70 -13.73 -14.04
N GLY B 83 19.77 -14.11 -14.71
CA GLY B 83 20.30 -15.46 -14.49
C GLY B 83 19.35 -16.51 -15.01
N GLU B 84 18.98 -17.51 -14.20
CA GLU B 84 18.09 -18.59 -14.61
C GLU B 84 17.02 -18.89 -13.56
N THR B 85 15.77 -18.82 -13.98
CA THR B 85 14.65 -19.15 -13.09
C THR B 85 14.60 -20.63 -12.64
N VAL B 86 13.91 -20.83 -11.50
CA VAL B 86 13.51 -22.17 -10.99
C VAL B 86 11.99 -22.13 -10.73
N GLY B 87 11.35 -23.30 -10.75
CA GLY B 87 9.92 -23.43 -10.49
C GLY B 87 9.14 -22.82 -11.64
N ASP B 88 7.86 -22.55 -11.43
CA ASP B 88 6.99 -22.00 -12.48
C ASP B 88 6.84 -20.48 -12.40
N VAL B 89 6.70 -19.86 -13.57
CA VAL B 89 6.45 -18.43 -13.72
C VAL B 89 5.20 -18.13 -14.56
N ARG B 90 4.18 -17.61 -13.90
CA ARG B 90 2.99 -17.10 -14.58
C ARG B 90 3.24 -15.63 -14.97
N VAL B 91 3.00 -15.29 -16.23
CA VAL B 91 3.20 -13.93 -16.72
C VAL B 91 1.82 -13.28 -16.90
N VAL B 92 1.66 -12.07 -16.35
CA VAL B 92 0.36 -11.39 -16.33
C VAL B 92 0.50 -10.04 -17.04
N ALA B 93 -0.62 -9.36 -17.28
CA ALA B 93 -0.64 -8.12 -18.09
C ALA B 93 -0.07 -6.90 -17.39
N ASP B 94 -0.40 -6.78 -16.10
CA ASP B 94 -0.07 -5.58 -15.34
C ASP B 94 -0.04 -5.82 -13.80
N MSE B 95 0.13 -4.73 -13.04
CA MSE B 95 0.27 -4.84 -11.58
C MSE B 95 -0.99 -5.36 -10.92
O MSE B 95 -0.90 -6.04 -9.89
CB MSE B 95 0.58 -3.49 -10.94
CG MSE B 95 1.85 -2.82 -11.46
SE MSE B 95 3.41 -3.84 -11.07
CE MSE B 95 3.66 -3.53 -9.19
N HIS B 96 -2.16 -5.03 -11.49
CA HIS B 96 -3.41 -5.42 -10.85
C HIS B 96 -3.66 -6.91 -11.00
N GLU B 97 -3.42 -7.42 -12.21
CA GLU B 97 -3.49 -8.86 -12.47
C GLU B 97 -2.52 -9.68 -11.62
N ARG B 98 -1.31 -9.16 -11.46
CA ARG B 98 -0.32 -9.73 -10.52
C ARG B 98 -0.92 -9.81 -9.11
N LYS B 99 -1.38 -8.69 -8.55
CA LYS B 99 -1.96 -8.76 -7.20
C LYS B 99 -3.16 -9.70 -7.08
N ALA B 100 -4.06 -9.69 -8.07
CA ALA B 100 -5.25 -10.55 -8.00
C ALA B 100 -4.84 -12.01 -8.08
N ALA B 101 -3.92 -12.37 -8.99
CA ALA B 101 -3.42 -13.75 -9.15
C ALA B 101 -2.65 -14.23 -7.90
N MSE B 102 -1.76 -13.41 -7.37
CA MSE B 102 -1.09 -13.82 -6.10
C MSE B 102 -2.11 -14.08 -4.98
O MSE B 102 -1.93 -15.05 -4.22
CB MSE B 102 -0.12 -12.75 -5.65
CG MSE B 102 1.15 -12.73 -6.46
SE MSE B 102 2.22 -11.20 -6.08
CE MSE B 102 3.46 -12.06 -5.07
N ALA B 103 -3.15 -13.23 -4.87
CA ALA B 103 -4.17 -13.39 -3.83
C ALA B 103 -4.99 -14.67 -4.05
N GLN B 104 -5.49 -14.91 -5.26
CA GLN B 104 -6.21 -16.15 -5.62
C GLN B 104 -5.43 -17.42 -5.39
N GLU B 105 -4.12 -17.39 -5.62
CA GLU B 105 -3.28 -18.57 -5.46
C GLU B 105 -2.88 -18.85 -4.01
N ALA B 106 -2.97 -17.88 -3.10
CA ALA B 106 -2.42 -18.07 -1.77
C ALA B 106 -3.56 -18.33 -0.80
N GLU B 107 -3.29 -19.14 0.23
CA GLU B 107 -4.21 -19.26 1.36
C GLU B 107 -3.92 -18.27 2.50
N ALA B 108 -2.72 -17.66 2.51
CA ALA B 108 -2.29 -16.67 3.50
C ALA B 108 -1.09 -15.87 2.96
N PHE B 109 -0.73 -14.76 3.61
CA PHE B 109 0.34 -13.85 3.12
C PHE B 109 1.36 -13.56 4.21
N ILE B 110 2.63 -13.42 3.81
CA ILE B 110 3.74 -13.01 4.66
C ILE B 110 4.58 -11.94 3.95
N ALA B 111 4.80 -10.81 4.59
CA ALA B 111 5.75 -9.83 4.09
C ALA B 111 7.08 -10.03 4.81
N LEU B 112 8.14 -10.23 4.03
CA LEU B 112 9.48 -10.03 4.51
C LEU B 112 9.79 -8.52 4.39
N PRO B 113 10.88 -8.02 5.01
CA PRO B 113 11.34 -6.65 4.69
C PRO B 113 11.59 -6.40 3.20
N GLY B 114 11.30 -5.17 2.77
CA GLY B 114 11.31 -4.79 1.38
C GLY B 114 10.94 -3.33 1.29
N GLY B 115 10.93 -2.82 0.08
CA GLY B 115 10.78 -1.40 -0.17
C GLY B 115 9.30 -1.11 -0.45
N TYR B 116 9.05 -0.10 -1.27
CA TYR B 116 7.65 0.30 -1.51
C TYR B 116 6.71 -0.80 -2.06
N GLY B 117 7.17 -1.59 -3.02
CA GLY B 117 6.38 -2.68 -3.64
C GLY B 117 5.82 -3.67 -2.61
N THR B 118 6.68 -4.10 -1.71
CA THR B 118 6.38 -5.06 -0.68
C THR B 118 5.40 -4.46 0.33
N MSE B 119 5.59 -3.18 0.67
CA MSE B 119 4.72 -2.53 1.65
C MSE B 119 3.29 -2.38 1.07
O MSE B 119 2.30 -2.60 1.75
CB MSE B 119 5.28 -1.15 2.02
CG MSE B 119 6.65 -1.19 2.74
SE MSE B 119 7.37 0.60 2.87
CE MSE B 119 9.19 0.08 3.75
N GLU B 120 3.23 -2.01 -0.20
CA GLU B 120 2.02 -1.85 -0.98
C GLU B 120 1.20 -3.15 -1.00
N GLU B 121 1.83 -4.26 -1.40
CA GLU B 121 1.21 -5.59 -1.45
C GLU B 121 0.67 -5.98 -0.08
N LEU B 122 1.47 -5.75 0.96
CA LEU B 122 1.05 -6.13 2.29
C LEU B 122 -0.16 -5.30 2.73
N LEU B 123 -0.10 -3.99 2.54
CA LEU B 123 -1.18 -3.10 2.92
C LEU B 123 -2.45 -3.47 2.19
N GLU B 124 -2.30 -3.87 0.92
CA GLU B 124 -3.45 -4.26 0.15
C GLU B 124 -4.12 -5.51 0.68
N MSE B 125 -3.32 -6.51 1.09
CA MSE B 125 -3.90 -7.76 1.64
C MSE B 125 -4.56 -7.50 2.96
O MSE B 125 -5.61 -8.08 3.21
CB MSE B 125 -2.90 -8.92 1.75
CG MSE B 125 -2.38 -9.35 0.34
SE MSE B 125 -3.89 -9.81 -0.91
CE MSE B 125 -3.93 -8.29 -2.02
N ILE B 126 -3.97 -6.63 3.80
CA ILE B 126 -4.57 -6.24 5.07
C ILE B 126 -5.91 -5.57 4.82
N THR B 127 -5.93 -4.66 3.84
CA THR B 127 -7.17 -3.97 3.43
C THR B 127 -8.26 -4.98 2.97
N TRP B 128 -7.91 -5.97 2.16
CA TRP B 128 -8.89 -6.94 1.70
C TRP B 128 -9.45 -7.78 2.82
N SER B 129 -8.64 -8.16 3.80
CA SER B 129 -9.17 -8.74 5.05
C SER B 129 -10.11 -7.82 5.83
N GLN B 130 -9.68 -6.57 5.98
CA GLN B 130 -10.48 -5.60 6.71
C GLN B 130 -11.86 -5.41 6.06
N LEU B 131 -11.89 -5.32 4.73
CA LEU B 131 -13.13 -5.15 4.00
C LEU B 131 -13.93 -6.45 3.88
N GLY B 132 -13.39 -7.59 4.29
CA GLY B 132 -14.17 -8.79 4.15
C GLY B 132 -14.03 -9.48 2.81
N ILE B 133 -13.16 -8.94 1.95
CA ILE B 133 -12.90 -9.48 0.60
C ILE B 133 -12.38 -10.91 0.64
N HIS B 134 -11.56 -11.25 1.64
CA HIS B 134 -11.16 -12.62 1.91
C HIS B 134 -10.94 -12.73 3.40
N LYS B 135 -10.78 -13.96 3.90
CA LYS B 135 -10.47 -14.23 5.31
C LYS B 135 -9.15 -15.00 5.36
N LYS B 136 -8.07 -14.38 4.90
CA LYS B 136 -6.81 -15.07 4.85
C LYS B 136 -5.86 -14.38 5.80
N THR B 137 -5.04 -15.16 6.49
CA THR B 137 -4.08 -14.61 7.46
C THR B 137 -2.97 -13.81 6.75
N VAL B 138 -2.61 -12.67 7.34
CA VAL B 138 -1.54 -11.79 6.87
C VAL B 138 -0.48 -11.65 8.00
N GLY B 139 0.75 -12.09 7.70
CA GLY B 139 1.82 -11.94 8.66
C GLY B 139 2.97 -11.10 8.15
N LEU B 140 3.78 -10.65 9.10
CA LEU B 140 5.01 -9.98 8.75
C LEU B 140 6.13 -10.46 9.63
N LEU B 141 7.25 -10.70 8.96
CA LEU B 141 8.48 -11.14 9.57
C LEU B 141 9.25 -9.86 9.88
N ASN B 142 9.23 -9.47 11.15
CA ASN B 142 9.75 -8.20 11.60
C ASN B 142 11.22 -8.41 11.98
N VAL B 143 12.07 -8.45 10.95
CA VAL B 143 13.50 -8.74 11.07
C VAL B 143 14.24 -7.58 11.75
N ASP B 144 14.78 -7.83 12.96
CA ASP B 144 15.54 -6.79 13.67
C ASP B 144 14.86 -5.41 13.68
N GLY B 145 13.56 -5.46 13.92
CA GLY B 145 12.73 -4.27 14.06
C GLY B 145 12.46 -3.49 12.78
N TYR B 146 12.75 -4.09 11.61
CA TYR B 146 12.52 -3.38 10.31
C TYR B 146 11.10 -2.75 10.23
N TYR B 147 10.10 -3.51 10.67
CA TYR B 147 8.71 -3.06 10.59
C TYR B 147 8.13 -2.39 11.84
N ASN B 148 8.96 -2.07 12.84
CA ASN B 148 8.48 -1.40 14.08
C ASN B 148 7.71 -0.15 13.73
N ASN B 149 8.21 0.61 12.75
CA ASN B 149 7.57 1.89 12.37
C ASN B 149 6.24 1.65 11.66
N LEU B 150 6.14 0.55 10.91
CA LEU B 150 4.87 0.18 10.31
C LEU B 150 3.83 -0.15 11.39
N LEU B 151 4.23 -0.94 12.37
CA LEU B 151 3.29 -1.32 13.45
C LEU B 151 2.93 -0.11 14.32
N ALA B 152 3.89 0.74 14.62
CA ALA B 152 3.65 2.04 15.30
C ALA B 152 2.64 2.90 14.50
N LEU B 153 2.77 2.92 13.18
CA LEU B 153 1.80 3.63 12.34
C LEU B 153 0.38 3.06 12.47
N PHE B 154 0.23 1.74 12.43
CA PHE B 154 -1.06 1.11 12.67
C PHE B 154 -1.62 1.51 14.03
N ASP B 155 -0.77 1.48 15.06
CA ASP B 155 -1.13 1.96 16.40
C ASP B 155 -1.62 3.41 16.41
N THR B 156 -0.94 4.26 15.64
CA THR B 156 -1.35 5.68 15.51
C THR B 156 -2.75 5.74 14.89
N GLY B 157 -2.98 4.86 13.93
CA GLY B 157 -4.24 4.88 13.17
C GLY B 157 -5.35 4.47 14.12
N VAL B 158 -5.09 3.46 14.95
CA VAL B 158 -6.11 3.02 15.93
C VAL B 158 -6.41 4.16 16.92
N GLU B 159 -5.37 4.71 17.52
CA GLU B 159 -5.47 5.82 18.48
C GLU B 159 -6.18 7.09 17.97
N GLU B 160 -5.95 7.46 16.72
CA GLU B 160 -6.60 8.61 16.15
C GLU B 160 -7.96 8.34 15.52
N GLY B 161 -8.40 7.08 15.42
CA GLY B 161 -9.78 6.79 15.01
C GLY B 161 -9.93 6.43 13.58
N PHE B 162 -8.82 6.04 12.93
CA PHE B 162 -8.88 5.65 11.49
C PHE B 162 -8.82 4.15 11.25
N ILE B 163 -8.39 3.40 12.26
CA ILE B 163 -8.36 1.94 12.21
C ILE B 163 -9.06 1.48 13.47
N LYS B 164 -9.95 0.50 13.34
CA LYS B 164 -10.63 -0.04 14.51
C LYS B 164 -9.69 -0.97 15.25
N PRO B 165 -9.83 -1.03 16.59
CA PRO B 165 -9.03 -1.89 17.48
C PRO B 165 -8.96 -3.34 16.99
N GLY B 166 -10.10 -3.96 16.69
CA GLY B 166 -10.12 -5.29 16.09
C GLY B 166 -9.37 -5.42 14.76
N ALA B 167 -9.44 -4.42 13.89
CA ALA B 167 -8.68 -4.48 12.64
C ALA B 167 -7.15 -4.39 12.81
N ARG B 168 -6.68 -3.79 13.90
CA ARG B 168 -5.25 -3.74 14.23
C ARG B 168 -4.68 -5.20 14.34
N ASN B 169 -5.55 -6.10 14.78
CA ASN B 169 -5.21 -7.50 15.01
C ASN B 169 -5.16 -8.44 13.80
N ILE B 170 -5.48 -7.94 12.61
CA ILE B 170 -5.32 -8.67 11.35
C ILE B 170 -3.84 -8.99 11.08
N VAL B 171 -2.93 -8.08 11.45
CA VAL B 171 -1.52 -8.29 11.17
C VAL B 171 -0.91 -9.19 12.26
N VAL B 172 -0.43 -10.37 11.91
CA VAL B 172 0.33 -11.25 12.83
C VAL B 172 1.81 -10.87 12.60
N SER B 173 2.60 -10.66 13.64
CA SER B 173 4.04 -10.39 13.42
C SER B 173 4.92 -11.10 14.43
N ALA B 174 6.19 -11.31 14.07
CA ALA B 174 7.15 -11.97 14.96
C ALA B 174 8.55 -11.66 14.44
N PRO B 175 9.57 -11.72 15.32
CA PRO B 175 10.90 -11.41 14.86
C PRO B 175 11.66 -12.52 14.15
N THR B 176 11.11 -13.73 14.08
CA THR B 176 11.78 -14.85 13.39
C THR B 176 10.75 -15.68 12.63
N ALA B 177 11.21 -16.37 11.59
CA ALA B 177 10.31 -17.18 10.76
C ALA B 177 9.60 -18.27 11.54
N LYS B 178 10.35 -18.90 12.44
CA LYS B 178 9.83 -19.96 13.27
C LYS B 178 8.67 -19.47 14.14
N GLU B 179 8.89 -18.37 14.84
CA GLU B 179 7.84 -17.83 15.72
C GLU B 179 6.63 -17.33 14.92
N LEU B 180 6.89 -16.73 13.75
CA LEU B 180 5.79 -16.26 12.90
C LEU B 180 4.94 -17.44 12.41
N MSE B 181 5.59 -18.51 11.98
CA MSE B 181 4.82 -19.66 11.51
C MSE B 181 3.91 -20.24 12.59
O MSE B 181 2.76 -20.57 12.33
CB MSE B 181 5.75 -20.71 10.88
CG MSE B 181 6.25 -20.33 9.46
SE MSE B 181 4.83 -19.80 8.20
CE MSE B 181 3.53 -21.18 8.31
N GLU B 182 4.43 -20.38 13.81
CA GLU B 182 3.67 -20.90 14.95
C GLU B 182 2.46 -20.02 15.15
N LYS B 183 2.70 -18.72 15.29
CA LYS B 183 1.65 -17.72 15.39
C LYS B 183 0.62 -17.81 14.26
N MSE B 184 1.02 -17.95 13.00
CA MSE B 184 -0.06 -18.02 12.02
C MSE B 184 -0.77 -19.37 11.84
O MSE B 184 -1.90 -19.37 11.37
CB MSE B 184 0.26 -17.35 10.71
CG MSE B 184 1.48 -17.75 9.98
SE MSE B 184 1.93 -16.09 9.05
CE MSE B 184 0.57 -15.07 9.31
N GLU B 185 -0.13 -20.47 12.25
CA GLU B 185 -0.81 -21.75 12.34
C GLU B 185 -1.93 -21.66 13.35
N GLU B 186 -1.79 -20.75 14.32
CA GLU B 186 -2.74 -20.66 15.43
C GLU B 186 -3.65 -19.41 15.44
N TYR B 187 -3.51 -18.54 14.45
CA TYR B 187 -4.31 -17.31 14.34
C TYR B 187 -5.75 -17.58 13.94
N THR B 188 -6.67 -16.82 14.53
CA THR B 188 -8.10 -16.76 14.17
C THR B 188 -8.63 -15.30 14.22
N NO3 C . -29.37 16.06 -2.20
O1 NO3 C . -28.25 15.31 -2.64
O2 NO3 C . -30.09 15.68 -1.03
O3 NO3 C . -29.74 17.22 -2.91
C1 EDO D . -24.48 16.58 -8.11
O1 EDO D . -23.70 17.76 -8.26
C2 EDO D . -24.19 15.94 -6.79
O2 EDO D . -24.18 14.55 -7.05
C1 EDO E . -11.14 6.16 7.33
O1 EDO E . -10.69 7.48 7.27
C2 EDO E . -9.99 5.27 7.53
O2 EDO E . -9.08 5.69 6.51
C1 EDO F . 2.40 -6.66 16.41
O1 EDO F . 1.76 -5.42 16.75
C2 EDO F . 1.37 -7.60 15.80
O2 EDO F . 0.48 -6.88 14.95
C1 EDO G . 21.38 -4.24 -1.44
O1 EDO G . 20.11 -4.09 -0.77
C2 EDO G . 21.20 -4.91 -2.83
O2 EDO G . 20.71 -6.29 -2.86
#